data_3WE5
#
_entry.id   3WE5
#
_cell.length_a   84.930
_cell.length_b   34.760
_cell.length_c   128.100
_cell.angle_alpha   90.00
_cell.angle_beta   108.88
_cell.angle_gamma   90.00
#
_symmetry.space_group_name_H-M   'C 1 2 1'
#
loop_
_entity.id
_entity.type
_entity.pdbx_description
1 polymer 'Ubiquitin conjugating enzyme'
2 non-polymer 'ACETIC ACID'
3 non-polymer GLYCEROL
4 water water
#
_entity_poly.entity_id   1
_entity_poly.type   'polypeptide(L)'
_entity_poly.pdbx_seq_one_letter_code
;MGSSHHHHHHSSGLVPRGSHMGSVSARRLAKELREIQSEGCPVGITLVDASDFSKWLFTIEVMGNSQYQGEAYTLQFRFD
AQYPISSPAVQFVVTDGKEAPVHPHVYSNGHICASILGSEWSPVLSVIAVCVTLQSMLASCKKKERPADNDRYVRTAPDN
PKKTLFHYDDDTV
;
_entity_poly.pdbx_strand_id   A,B
#
loop_
_chem_comp.id
_chem_comp.type
_chem_comp.name
_chem_comp.formula
ACY non-polymer 'ACETIC ACID' 'C2 H4 O2'
GOL non-polymer GLYCEROL 'C3 H8 O3'
#
# COMPACT_ATOMS: atom_id res chain seq x y z
N GLY A 22 31.92 -25.50 -12.26
CA GLY A 22 30.85 -24.52 -12.40
C GLY A 22 31.17 -23.20 -11.73
N SER A 23 30.34 -22.19 -11.95
CA SER A 23 30.58 -20.85 -11.39
C SER A 23 30.28 -20.80 -9.91
N VAL A 24 30.82 -19.79 -9.23
CA VAL A 24 30.57 -19.63 -7.80
C VAL A 24 29.07 -19.48 -7.50
N SER A 25 28.39 -18.74 -8.37
CA SER A 25 26.98 -18.49 -8.17
C SER A 25 26.19 -19.79 -8.32
N ALA A 26 26.48 -20.53 -9.38
CA ALA A 26 25.76 -21.79 -9.63
C ALA A 26 25.98 -22.79 -8.50
N ARG A 27 27.22 -22.83 -7.98
CA ARG A 27 27.55 -23.77 -6.93
C ARG A 27 26.80 -23.43 -5.65
N ARG A 28 26.62 -22.14 -5.38
CA ARG A 28 25.86 -21.71 -4.20
C ARG A 28 24.42 -22.20 -4.36
N LEU A 29 23.87 -22.02 -5.55
CA LEU A 29 22.50 -22.48 -5.79
C LEU A 29 22.38 -23.99 -5.73
N ALA A 30 23.40 -24.72 -6.21
CA ALA A 30 23.40 -26.18 -6.09
C ALA A 30 23.39 -26.60 -4.65
N LYS A 31 24.11 -25.88 -3.81
CA LYS A 31 24.13 -26.24 -2.39
C LYS A 31 22.77 -25.99 -1.77
N GLU A 32 22.11 -24.89 -2.13
CA GLU A 32 20.78 -24.63 -1.59
C GLU A 32 19.83 -25.70 -2.04
N LEU A 33 19.96 -26.15 -3.29
CA LEU A 33 19.09 -27.20 -3.79
C LEU A 33 19.34 -28.51 -3.08
N ARG A 34 20.61 -28.83 -2.82
CA ARG A 34 21.00 -30.03 -2.09
C ARG A 34 20.34 -30.00 -0.71
N GLU A 35 20.38 -28.83 -0.07
CA GLU A 35 19.78 -28.72 1.28
C GLU A 35 18.26 -28.84 1.26
N ILE A 36 17.60 -28.29 0.24
CA ILE A 36 16.15 -28.45 0.10
C ILE A 36 15.82 -29.93 -0.05
N GLN A 37 16.60 -30.66 -0.84
CA GLN A 37 16.38 -32.10 -0.99
C GLN A 37 16.65 -32.87 0.31
N SER A 38 17.70 -32.50 1.02
CA SER A 38 18.15 -33.20 2.23
C SER A 38 17.25 -32.93 3.42
N GLU A 39 17.00 -31.64 3.63
CA GLU A 39 16.26 -31.14 4.82
C GLU A 39 14.78 -31.12 4.60
N GLY A 40 14.37 -31.09 3.34
CA GLY A 40 12.99 -30.86 3.01
C GLY A 40 12.65 -29.40 3.17
N CYS A 41 11.41 -29.04 2.82
CA CYS A 41 10.98 -27.65 2.95
C CYS A 41 10.16 -27.49 4.21
N PRO A 42 10.06 -26.25 4.72
CA PRO A 42 9.18 -26.02 5.86
C PRO A 42 7.73 -26.21 5.46
N VAL A 43 6.86 -26.44 6.45
CA VAL A 43 5.47 -26.72 6.13
C VAL A 43 4.82 -25.61 5.30
N GLY A 44 4.09 -26.04 4.27
CA GLY A 44 3.34 -25.10 3.46
C GLY A 44 4.17 -24.65 2.27
N ILE A 45 5.44 -24.99 2.26
CA ILE A 45 6.30 -24.56 1.15
C ILE A 45 6.70 -25.78 0.35
N THR A 46 6.49 -25.76 -0.96
CA THR A 46 6.86 -26.92 -1.79
C THR A 46 7.67 -26.49 -3.00
N LEU A 47 8.82 -27.13 -3.20
CA LEU A 47 9.60 -26.95 -4.45
C LEU A 47 8.92 -27.69 -5.59
N VAL A 48 8.58 -26.94 -6.65
CA VAL A 48 7.88 -27.47 -7.84
C VAL A 48 8.81 -27.65 -9.03
N ASP A 49 9.81 -26.78 -9.17
CA ASP A 49 10.71 -26.90 -10.32
C ASP A 49 12.02 -26.21 -9.99
N ALA A 50 13.12 -26.93 -10.18
CA ALA A 50 14.47 -26.35 -10.07
C ALA A 50 15.30 -26.96 -11.19
N SER A 51 14.86 -26.71 -12.42
CA SER A 51 15.41 -27.45 -13.55
C SER A 51 16.70 -26.88 -14.11
N ASP A 52 17.05 -25.69 -13.61
CA ASP A 52 18.35 -25.09 -13.91
C ASP A 52 18.71 -24.25 -12.72
N PHE A 53 19.73 -23.41 -12.86
CA PHE A 53 20.06 -22.47 -11.78
C PHE A 53 19.79 -21.01 -12.13
N SER A 54 18.79 -20.80 -12.97
CA SER A 54 18.35 -19.48 -13.37
C SER A 54 16.94 -19.15 -12.89
N LYS A 55 16.08 -20.17 -12.82
CA LYS A 55 14.69 -19.93 -12.42
C LYS A 55 14.15 -21.14 -11.66
N TRP A 56 13.62 -20.89 -10.46
CA TRP A 56 12.97 -21.93 -9.66
C TRP A 56 11.54 -21.54 -9.34
N LEU A 57 10.68 -22.54 -9.15
CA LEU A 57 9.29 -22.32 -8.76
C LEU A 57 8.96 -23.11 -7.48
N PHE A 58 8.25 -22.43 -6.57
CA PHE A 58 7.70 -23.04 -5.35
C PHE A 58 6.18 -22.83 -5.30
N THR A 59 5.48 -23.67 -4.56
CA THR A 59 4.14 -23.28 -4.11
C THR A 59 4.22 -22.85 -2.65
N ILE A 60 3.42 -21.85 -2.30
CA ILE A 60 3.39 -21.30 -0.95
C ILE A 60 1.95 -21.39 -0.46
N GLU A 61 1.76 -22.11 0.64
CA GLU A 61 0.46 -22.12 1.31
C GLU A 61 0.66 -21.55 2.69
N VAL A 62 -0.23 -20.64 3.09
CA VAL A 62 -0.13 -20.03 4.41
C VAL A 62 -0.91 -20.94 5.36
N MET A 63 -0.26 -21.30 6.47
CA MET A 63 -0.86 -22.22 7.43
C MET A 63 -1.47 -21.43 8.57
N GLY A 64 -2.08 -22.13 9.50
CA GLY A 64 -2.75 -21.46 10.61
C GLY A 64 -3.96 -20.67 10.15
N ASN A 65 -4.35 -19.71 10.98
CA ASN A 65 -5.46 -18.85 10.64
C ASN A 65 -4.98 -17.65 9.83
N SER A 66 -5.53 -17.50 8.64
CA SER A 66 -5.15 -16.39 7.78
C SER A 66 -6.23 -16.08 6.77
N GLN A 67 -5.98 -15.03 5.98
CA GLN A 67 -6.89 -14.62 4.93
C GLN A 67 -6.74 -15.45 3.66
N TYR A 68 -5.81 -16.40 3.67
CA TYR A 68 -5.48 -17.19 2.46
C TYR A 68 -5.59 -18.68 2.76
N GLN A 69 -6.45 -19.03 3.72
CA GLN A 69 -6.59 -20.42 4.14
C GLN A 69 -6.90 -21.34 2.97
N GLY A 70 -6.16 -22.45 2.87
CA GLY A 70 -6.41 -23.46 1.88
C GLY A 70 -5.99 -23.16 0.45
N GLU A 71 -5.29 -22.05 0.25
CA GLU A 71 -4.90 -21.64 -1.10
C GLU A 71 -3.40 -21.86 -1.30
N ALA A 72 -3.00 -22.22 -2.52
CA ALA A 72 -1.58 -22.37 -2.85
C ALA A 72 -1.21 -21.39 -3.97
N TYR A 73 -0.19 -20.59 -3.74
CA TYR A 73 0.23 -19.61 -4.74
C TYR A 73 1.56 -20.04 -5.30
N THR A 74 1.81 -19.72 -6.56
CA THR A 74 3.08 -20.10 -7.17
C THR A 74 4.03 -18.90 -7.09
N LEU A 75 5.22 -19.17 -6.56
CA LEU A 75 6.25 -18.13 -6.35
C LEU A 75 7.46 -18.47 -7.21
N GLN A 76 7.92 -17.49 -7.98
CA GLN A 76 9.04 -17.68 -8.90
C GLN A 76 10.27 -16.92 -8.40
N PHE A 77 11.42 -17.59 -8.42
CA PHE A 77 12.72 -16.97 -8.15
C PHE A 77 13.51 -16.94 -9.45
N ARG A 78 14.06 -15.78 -9.79
CA ARG A 78 15.05 -15.71 -10.87
C ARG A 78 16.38 -15.23 -10.34
N PHE A 79 17.46 -15.89 -10.76
CA PHE A 79 18.82 -15.63 -10.23
C PHE A 79 19.72 -15.08 -11.34
N ASP A 80 20.43 -14.00 -11.06
CA ASP A 80 21.44 -13.54 -12.05
C ASP A 80 22.83 -14.06 -11.69
N ALA A 81 23.85 -13.68 -12.47
CA ALA A 81 25.17 -14.27 -12.27
C ALA A 81 25.89 -13.81 -11.01
N GLN A 82 25.34 -12.79 -10.34
CA GLN A 82 25.93 -12.25 -9.12
C GLN A 82 25.28 -12.79 -7.83
N TYR A 83 24.29 -13.67 -7.96
CA TYR A 83 23.73 -14.33 -6.76
C TYR A 83 24.89 -15.08 -6.07
N PRO A 84 24.95 -15.07 -4.72
CA PRO A 84 23.97 -14.55 -3.75
C PRO A 84 24.27 -13.12 -3.30
N ILE A 85 25.19 -12.42 -3.96
CA ILE A 85 25.44 -11.04 -3.59
C ILE A 85 24.26 -10.19 -4.06
N SER A 86 23.82 -10.40 -5.30
CA SER A 86 22.56 -9.80 -5.75
C SER A 86 21.39 -10.58 -5.20
N SER A 87 20.30 -9.88 -4.91
CA SER A 87 19.09 -10.53 -4.44
C SER A 87 18.47 -11.29 -5.61
N PRO A 88 17.76 -12.38 -5.30
CA PRO A 88 16.92 -12.99 -6.34
C PRO A 88 15.77 -12.06 -6.75
N ALA A 89 15.33 -12.16 -8.00
CA ALA A 89 14.12 -11.47 -8.45
C ALA A 89 12.97 -12.42 -8.14
N VAL A 90 12.04 -11.96 -7.30
CA VAL A 90 11.01 -12.84 -6.77
C VAL A 90 9.62 -12.27 -7.03
N GLN A 91 8.71 -13.08 -7.58
CA GLN A 91 7.36 -12.64 -7.87
C GLN A 91 6.39 -13.82 -7.84
N PHE A 92 5.15 -13.53 -7.48
CA PHE A 92 4.10 -14.53 -7.63
C PHE A 92 3.79 -14.61 -9.11
N VAL A 93 3.54 -15.84 -9.56
CA VAL A 93 3.20 -16.13 -10.97
C VAL A 93 1.74 -15.80 -11.26
N VAL A 94 1.51 -15.09 -12.35
CA VAL A 94 0.14 -14.72 -12.71
C VAL A 94 -0.21 -15.16 -14.11
N THR A 95 0.54 -16.13 -14.63
CA THR A 95 0.24 -16.70 -15.94
C THR A 95 -0.73 -17.85 -15.84
N ASP A 96 -1.36 -18.20 -16.96
CA ASP A 96 -2.19 -19.39 -17.05
C ASP A 96 -3.30 -19.47 -16.00
N GLY A 97 -3.97 -18.35 -15.77
CA GLY A 97 -5.10 -18.35 -14.84
C GLY A 97 -4.70 -18.21 -13.39
N LYS A 98 -3.40 -18.21 -13.12
CA LYS A 98 -2.93 -18.01 -11.76
C LYS A 98 -3.12 -16.57 -11.34
N GLU A 99 -3.42 -16.36 -10.07
CA GLU A 99 -3.59 -15.00 -9.57
C GLU A 99 -2.67 -14.77 -8.40
N ALA A 100 -2.21 -13.53 -8.23
CA ALA A 100 -1.37 -13.19 -7.08
C ALA A 100 -2.24 -13.11 -5.85
N PRO A 101 -1.67 -13.39 -4.68
CA PRO A 101 -2.48 -13.16 -3.48
C PRO A 101 -2.86 -11.68 -3.39
N VAL A 102 -4.07 -11.37 -2.95
CA VAL A 102 -4.46 -9.98 -2.72
C VAL A 102 -3.93 -9.56 -1.36
N HIS A 103 -2.94 -8.69 -1.37
CA HIS A 103 -2.18 -8.33 -0.19
C HIS A 103 -1.58 -6.95 -0.42
N PRO A 104 -1.46 -6.13 0.64
CA PRO A 104 -0.99 -4.75 0.48
C PRO A 104 0.45 -4.59 0.01
N HIS A 105 1.24 -5.67 0.05
CA HIS A 105 2.60 -5.62 -0.44
C HIS A 105 2.80 -6.43 -1.72
N VAL A 106 1.70 -6.92 -2.31
CA VAL A 106 1.76 -7.70 -3.54
C VAL A 106 0.96 -7.07 -4.66
N TYR A 107 1.63 -6.71 -5.75
CA TYR A 107 0.96 -6.08 -6.89
C TYR A 107 0.18 -7.12 -7.69
N SER A 108 -0.81 -6.68 -8.46
CA SER A 108 -1.67 -7.60 -9.21
C SER A 108 -0.90 -8.32 -10.32
N ASN A 109 0.25 -7.79 -10.70
CA ASN A 109 1.12 -8.43 -11.66
C ASN A 109 2.07 -9.42 -10.99
N GLY A 110 1.92 -9.59 -9.68
CA GLY A 110 2.74 -10.57 -8.96
C GLY A 110 4.00 -10.04 -8.32
N HIS A 111 4.40 -8.82 -8.69
CA HIS A 111 5.60 -8.22 -8.11
C HIS A 111 5.38 -7.98 -6.62
N ILE A 112 6.46 -8.06 -5.85
CA ILE A 112 6.35 -8.02 -4.40
C ILE A 112 7.16 -6.86 -3.82
N CYS A 113 6.55 -6.08 -2.94
CA CYS A 113 7.31 -5.09 -2.16
C CYS A 113 7.65 -5.66 -0.78
N ALA A 114 8.89 -6.10 -0.59
CA ALA A 114 9.30 -6.65 0.70
C ALA A 114 10.77 -6.31 0.88
N SER A 115 11.13 -5.91 2.10
CA SER A 115 12.51 -5.49 2.38
C SER A 115 13.57 -6.57 2.14
N ILE A 116 13.20 -7.84 2.36
CA ILE A 116 14.10 -8.95 2.10
C ILE A 116 14.54 -9.00 0.63
N LEU A 117 13.73 -8.43 -0.26
CA LEU A 117 14.04 -8.47 -1.70
C LEU A 117 14.81 -7.22 -2.12
N GLY A 118 14.94 -6.26 -1.20
CA GLY A 118 15.62 -5.01 -1.52
C GLY A 118 16.78 -4.70 -0.58
N SER A 119 16.63 -3.60 0.17
CA SER A 119 17.67 -3.12 1.09
C SER A 119 18.10 -4.14 2.15
N GLU A 120 17.20 -5.05 2.52
CA GLU A 120 17.53 -6.01 3.56
C GLU A 120 17.97 -7.40 3.05
N TRP A 121 18.09 -7.55 1.73
CA TRP A 121 18.73 -8.76 1.21
C TRP A 121 20.14 -8.87 1.75
N SER A 122 20.56 -10.08 2.09
CA SER A 122 21.95 -10.37 2.43
C SER A 122 22.26 -11.75 1.91
N PRO A 123 23.53 -12.01 1.49
CA PRO A 123 23.89 -13.38 1.10
C PRO A 123 23.75 -14.39 2.24
N VAL A 124 23.63 -13.93 3.49
CA VAL A 124 23.43 -14.86 4.59
C VAL A 124 22.04 -15.51 4.59
N LEU A 125 21.15 -14.98 3.78
CA LEU A 125 19.81 -15.53 3.61
C LEU A 125 19.84 -16.62 2.56
N SER A 126 18.67 -17.09 2.16
CA SER A 126 18.60 -18.21 1.24
C SER A 126 17.25 -18.15 0.58
N VAL A 127 17.07 -18.96 -0.46
CA VAL A 127 15.79 -19.03 -1.12
C VAL A 127 14.67 -19.44 -0.14
N ILE A 128 14.95 -20.46 0.66
CA ILE A 128 13.96 -20.94 1.63
C ILE A 128 13.64 -19.86 2.67
N ALA A 129 14.65 -19.13 3.13
CA ALA A 129 14.36 -17.98 4.02
C ALA A 129 13.42 -16.95 3.40
N VAL A 130 13.59 -16.66 2.12
CA VAL A 130 12.67 -15.76 1.45
C VAL A 130 11.26 -16.36 1.42
N CYS A 131 11.15 -17.65 1.10
CA CYS A 131 9.83 -18.30 1.06
C CYS A 131 9.12 -18.19 2.40
N VAL A 132 9.86 -18.47 3.46
CA VAL A 132 9.30 -18.41 4.83
C VAL A 132 8.87 -17.00 5.20
N THR A 133 9.74 -16.03 4.88
CA THR A 133 9.41 -14.62 5.11
C THR A 133 8.16 -14.16 4.39
N LEU A 134 8.01 -14.54 3.12
CA LEU A 134 6.84 -14.14 2.36
C LEU A 134 5.58 -14.86 2.85
N GLN A 135 5.74 -16.12 3.27
CA GLN A 135 4.63 -16.86 3.85
C GLN A 135 4.12 -16.16 5.11
N SER A 136 5.05 -15.71 5.94
CA SER A 136 4.76 -14.97 7.17
C SER A 136 4.15 -13.59 6.92
N MET A 137 4.60 -12.94 5.85
CA MET A 137 4.03 -11.67 5.46
C MET A 137 2.56 -11.85 5.07
N LEU A 138 2.26 -12.92 4.36
CA LEU A 138 0.87 -13.21 3.99
C LEU A 138 0.09 -13.52 5.27
N ALA A 139 0.71 -14.27 6.18
CA ALA A 139 0.03 -14.69 7.41
C ALA A 139 -0.35 -13.48 8.28
N SER A 140 0.46 -12.44 8.20
CA SER A 140 0.28 -11.26 9.05
C SER A 140 -0.88 -10.35 8.62
N CYS A 141 -1.36 -10.53 7.38
CA CYS A 141 -2.43 -9.68 6.84
C CYS A 141 -3.77 -9.93 7.54
N LYS A 142 -4.39 -8.87 8.02
CA LYS A 142 -5.69 -9.02 8.67
C LYS A 142 -6.83 -8.67 7.72
N LYS A 143 -6.49 -8.06 6.58
CA LYS A 143 -7.49 -7.66 5.60
C LYS A 143 -6.92 -7.61 4.19
N LYS A 144 -7.48 -8.42 3.31
CA LYS A 144 -7.02 -8.51 1.93
C LYS A 144 -7.34 -7.26 1.12
N GLU A 145 -6.30 -6.53 0.72
CA GLU A 145 -6.48 -5.41 -0.20
C GLU A 145 -5.19 -5.25 -1.00
N ARG A 146 -5.29 -4.71 -2.20
CA ARG A 146 -4.11 -4.50 -3.04
C ARG A 146 -3.34 -3.28 -2.54
N PRO A 147 -2.07 -3.12 -2.99
CA PRO A 147 -1.29 -1.91 -2.68
C PRO A 147 -2.01 -0.66 -3.17
N ALA A 148 -1.77 0.47 -2.52
CA ALA A 148 -2.39 1.73 -2.88
C ALA A 148 -2.07 2.14 -4.32
N ASP A 149 -0.81 1.98 -4.73
CA ASP A 149 -0.41 2.43 -6.05
C ASP A 149 -0.51 1.33 -7.10
N ASN A 150 -1.37 0.33 -6.84
CA ASN A 150 -1.38 -0.88 -7.66
C ASN A 150 -1.50 -0.61 -9.15
N ASP A 151 -2.54 0.13 -9.55
CA ASP A 151 -2.76 0.36 -10.98
C ASP A 151 -1.65 1.21 -11.61
N ARG A 152 -1.21 2.24 -10.89
CA ARG A 152 -0.11 3.10 -11.34
C ARG A 152 1.14 2.27 -11.60
N TYR A 153 1.52 1.46 -10.61
CA TYR A 153 2.70 0.62 -10.74
C TYR A 153 2.61 -0.36 -11.91
N VAL A 154 1.48 -1.06 -12.03
CA VAL A 154 1.40 -2.20 -12.94
C VAL A 154 1.43 -1.77 -14.41
N ARG A 155 0.91 -0.57 -14.70
CA ARG A 155 0.88 -0.05 -16.07
C ARG A 155 2.27 0.08 -16.69
N THR A 156 3.23 0.54 -15.88
CA THR A 156 4.57 0.84 -16.38
C THR A 156 5.64 -0.15 -15.89
N ALA A 157 5.20 -1.19 -15.19
CA ALA A 157 6.13 -2.14 -14.57
C ALA A 157 6.96 -2.98 -15.55
N PRO A 158 8.26 -3.09 -15.30
CA PRO A 158 9.21 -3.83 -16.15
C PRO A 158 9.10 -5.33 -15.95
N ASP A 159 9.67 -6.11 -16.87
CA ASP A 159 9.65 -7.58 -16.79
C ASP A 159 10.19 -8.05 -15.45
N ASN A 160 11.34 -7.51 -15.09
CA ASN A 160 12.02 -7.90 -13.89
C ASN A 160 11.70 -6.88 -12.80
N PRO A 161 11.15 -7.36 -11.67
CA PRO A 161 10.71 -6.46 -10.59
C PRO A 161 11.86 -5.74 -9.91
N LYS A 162 13.09 -6.17 -10.16
CA LYS A 162 14.24 -5.50 -9.57
C LYS A 162 14.47 -4.13 -10.21
N GLY B 22 -20.40 36.34 -6.68
CA GLY B 22 -19.17 35.57 -6.77
C GLY B 22 -19.20 34.48 -7.83
N SER B 23 -18.08 33.80 -8.03
CA SER B 23 -18.01 32.70 -8.99
C SER B 23 -18.92 31.55 -8.54
N VAL B 24 -19.26 30.68 -9.48
CA VAL B 24 -20.12 29.53 -9.17
C VAL B 24 -19.47 28.64 -8.10
N SER B 25 -18.17 28.35 -8.24
CA SER B 25 -17.45 27.54 -7.25
C SER B 25 -17.48 28.13 -5.84
N ALA B 26 -17.14 29.41 -5.71
CA ALA B 26 -17.16 30.05 -4.40
C ALA B 26 -18.55 30.01 -3.76
N ARG B 27 -19.59 30.19 -4.57
CA ARG B 27 -20.94 30.14 -4.04
C ARG B 27 -21.33 28.73 -3.54
N ARG B 28 -20.85 27.72 -4.25
CA ARG B 28 -21.03 26.33 -3.82
C ARG B 28 -20.31 26.11 -2.49
N LEU B 29 -19.10 26.60 -2.39
CA LEU B 29 -18.36 26.48 -1.13
C LEU B 29 -18.99 27.29 0.00
N ALA B 30 -19.56 28.44 -0.33
CA ALA B 30 -20.27 29.23 0.68
C ALA B 30 -21.47 28.48 1.22
N LYS B 31 -22.16 27.78 0.32
CA LYS B 31 -23.29 26.95 0.74
C LYS B 31 -22.84 25.83 1.68
N GLU B 32 -21.73 25.16 1.33
CA GLU B 32 -21.20 24.11 2.20
C GLU B 32 -20.83 24.69 3.57
N LEU B 33 -20.20 25.87 3.56
CA LEU B 33 -19.81 26.54 4.79
C LEU B 33 -21.03 26.94 5.61
N ARG B 34 -22.06 27.41 4.92
CA ARG B 34 -23.35 27.78 5.53
C ARG B 34 -23.96 26.58 6.27
N GLU B 35 -23.98 25.42 5.62
CA GLU B 35 -24.54 24.20 6.22
C GLU B 35 -23.71 23.75 7.40
N ILE B 36 -22.39 23.80 7.25
CA ILE B 36 -21.50 23.46 8.35
C ILE B 36 -21.81 24.34 9.56
N GLN B 37 -22.07 25.61 9.30
CA GLN B 37 -22.36 26.57 10.35
C GLN B 37 -23.65 26.21 11.08
N SER B 38 -24.73 26.04 10.33
CA SER B 38 -26.05 25.81 10.93
C SER B 38 -26.21 24.43 11.58
N GLU B 39 -25.88 23.37 10.86
CA GLU B 39 -26.09 22.01 11.37
C GLU B 39 -24.90 21.36 12.06
N GLY B 40 -23.69 21.85 11.78
CA GLY B 40 -22.48 21.36 12.44
C GLY B 40 -21.73 20.27 11.71
N CYS B 41 -20.46 20.11 12.06
CA CYS B 41 -19.64 18.99 11.56
C CYS B 41 -19.94 17.72 12.36
N PRO B 42 -20.07 16.58 11.67
CA PRO B 42 -20.26 15.27 12.32
C PRO B 42 -19.21 15.06 13.41
N VAL B 43 -19.53 14.30 14.44
CA VAL B 43 -18.61 14.12 15.57
C VAL B 43 -17.26 13.56 15.12
N GLY B 44 -16.18 14.08 15.72
CA GLY B 44 -14.83 13.73 15.30
C GLY B 44 -14.26 14.74 14.33
N ILE B 45 -15.15 15.51 13.69
CA ILE B 45 -14.74 16.45 12.66
C ILE B 45 -14.91 17.89 13.14
N THR B 46 -13.84 18.68 13.00
CA THR B 46 -13.86 20.08 13.42
C THR B 46 -13.37 20.96 12.28
N LEU B 47 -14.15 21.99 11.94
CA LEU B 47 -13.64 23.00 11.01
C LEU B 47 -12.76 23.97 11.78
N VAL B 48 -11.55 24.22 11.29
CA VAL B 48 -10.66 25.15 11.98
C VAL B 48 -10.36 26.41 11.17
N ASP B 49 -10.44 26.31 9.84
CA ASP B 49 -10.25 27.48 9.00
C ASP B 49 -10.99 27.35 7.67
N ALA B 50 -11.76 28.39 7.35
CA ALA B 50 -12.36 28.53 6.02
C ALA B 50 -12.31 30.02 5.71
N SER B 51 -11.09 30.55 5.66
CA SER B 51 -10.89 31.98 5.55
C SER B 51 -10.95 32.51 4.12
N ASP B 52 -11.00 31.59 3.16
CA ASP B 52 -11.36 31.94 1.79
C ASP B 52 -12.05 30.74 1.17
N PHE B 53 -12.14 30.71 -0.16
CA PHE B 53 -12.78 29.59 -0.83
C PHE B 53 -11.79 28.89 -1.76
N SER B 54 -10.52 28.93 -1.34
CA SER B 54 -9.41 28.26 -2.02
C SER B 54 -8.78 27.17 -1.16
N LYS B 55 -8.80 27.35 0.15
CA LYS B 55 -8.16 26.41 1.06
C LYS B 55 -8.82 26.38 2.42
N TRP B 56 -9.28 25.21 2.84
CA TRP B 56 -9.84 25.04 4.18
C TRP B 56 -9.04 24.03 5.01
N LEU B 57 -9.15 24.14 6.34
CA LEU B 57 -8.48 23.19 7.25
C LEU B 57 -9.48 22.60 8.22
N PHE B 58 -9.35 21.31 8.47
CA PHE B 58 -10.18 20.61 9.45
C PHE B 58 -9.26 19.83 10.38
N THR B 59 -9.82 19.33 11.47
CA THR B 59 -9.16 18.25 12.19
C THR B 59 -10.13 17.08 12.13
N ILE B 60 -9.61 15.87 11.95
CA ILE B 60 -10.46 14.70 12.06
C ILE B 60 -9.93 13.77 13.15
N GLU B 61 -10.88 13.18 13.88
CA GLU B 61 -10.56 12.29 14.99
C GLU B 61 -11.54 11.14 14.93
N VAL B 62 -11.03 9.92 15.07
CA VAL B 62 -11.88 8.74 15.08
C VAL B 62 -12.50 8.56 16.47
N MET B 63 -13.80 8.29 16.51
CA MET B 63 -14.50 8.06 17.77
C MET B 63 -14.47 6.58 18.16
N GLY B 64 -14.15 6.31 19.43
CA GLY B 64 -14.21 4.96 19.96
C GLY B 64 -12.94 4.13 19.88
N ASN B 65 -13.10 2.81 19.81
CA ASN B 65 -11.97 1.91 19.64
C ASN B 65 -11.41 2.01 18.23
N SER B 66 -10.12 2.34 18.14
CA SER B 66 -9.43 2.36 16.85
C SER B 66 -7.93 2.46 17.07
N GLN B 67 -7.18 2.28 15.99
CA GLN B 67 -5.73 2.37 16.05
C GLN B 67 -5.23 3.80 16.27
N TYR B 68 -6.11 4.79 16.20
CA TYR B 68 -5.69 6.19 16.25
C TYR B 68 -6.28 6.99 17.40
N GLN B 69 -6.64 6.33 18.50
CA GLN B 69 -7.32 6.97 19.61
C GLN B 69 -6.62 8.21 20.17
N GLY B 70 -7.41 9.21 20.56
CA GLY B 70 -6.90 10.43 21.14
C GLY B 70 -6.09 11.31 20.21
N GLU B 71 -6.03 10.93 18.93
CA GLU B 71 -5.26 11.69 17.94
C GLU B 71 -6.17 12.45 16.99
N ALA B 72 -5.90 13.74 16.82
CA ALA B 72 -6.63 14.56 15.86
C ALA B 72 -5.68 15.05 14.77
N TYR B 73 -5.97 14.68 13.53
CA TYR B 73 -5.08 15.04 12.43
C TYR B 73 -5.62 16.22 11.62
N THR B 74 -4.72 17.12 11.21
CA THR B 74 -5.12 18.27 10.41
C THR B 74 -5.26 17.89 8.95
N LEU B 75 -6.46 18.08 8.42
CA LEU B 75 -6.75 17.71 7.04
C LEU B 75 -6.96 18.97 6.23
N GLN B 76 -6.19 19.14 5.16
CA GLN B 76 -6.28 20.34 4.34
C GLN B 76 -7.01 20.10 3.01
N PHE B 77 -7.96 20.98 2.68
CA PHE B 77 -8.62 20.95 1.36
C PHE B 77 -8.20 22.14 0.51
N ARG B 78 -7.84 21.89 -0.75
CA ARG B 78 -7.64 22.99 -1.70
C ARG B 78 -8.62 22.89 -2.86
N PHE B 79 -9.25 24.02 -3.19
CA PHE B 79 -10.28 24.06 -4.23
C PHE B 79 -9.83 24.90 -5.42
N ASP B 80 -10.09 24.42 -6.64
CA ASP B 80 -9.82 25.26 -7.81
C ASP B 80 -11.09 25.89 -8.39
N ALA B 81 -10.95 26.65 -9.47
CA ALA B 81 -12.09 27.36 -10.06
C ALA B 81 -13.17 26.46 -10.66
N GLN B 82 -12.98 25.15 -10.58
CA GLN B 82 -13.94 24.21 -11.18
C GLN B 82 -14.68 23.33 -10.19
N TYR B 83 -14.37 23.45 -8.89
CA TYR B 83 -15.18 22.79 -7.87
C TYR B 83 -16.62 23.25 -8.09
N PRO B 84 -17.60 22.34 -8.00
CA PRO B 84 -17.43 20.97 -7.52
C PRO B 84 -17.24 19.95 -8.65
N ILE B 85 -16.99 20.40 -9.88
CA ILE B 85 -16.75 19.44 -10.95
C ILE B 85 -15.40 18.77 -10.74
N SER B 86 -14.35 19.58 -10.59
CA SER B 86 -13.04 19.07 -10.19
C SER B 86 -13.07 18.67 -8.72
N SER B 87 -12.34 17.62 -8.36
CA SER B 87 -12.31 17.17 -6.97
C SER B 87 -11.44 18.12 -6.15
N PRO B 88 -11.66 18.21 -4.84
CA PRO B 88 -10.71 19.00 -4.07
C PRO B 88 -9.39 18.26 -3.96
N ALA B 89 -8.29 18.99 -3.82
CA ALA B 89 -7.00 18.38 -3.48
C ALA B 89 -6.93 18.25 -1.97
N VAL B 90 -6.82 17.01 -1.47
CA VAL B 90 -6.95 16.80 -0.04
C VAL B 90 -5.73 16.06 0.51
N GLN B 91 -5.15 16.58 1.57
CA GLN B 91 -3.97 15.93 2.16
C GLN B 91 -3.89 16.21 3.65
N PHE B 92 -3.31 15.28 4.40
CA PHE B 92 -3.01 15.55 5.79
C PHE B 92 -1.83 16.52 5.87
N VAL B 93 -1.86 17.41 6.86
CA VAL B 93 -0.82 18.43 6.98
C VAL B 93 0.39 17.87 7.75
N VAL B 94 1.59 18.16 7.25
CA VAL B 94 2.80 17.59 7.87
C VAL B 94 3.86 18.65 8.17
N THR B 95 3.47 19.92 8.05
CA THR B 95 4.32 21.05 8.41
C THR B 95 4.26 21.33 9.92
N ASP B 96 5.26 22.07 10.42
CA ASP B 96 5.26 22.54 11.80
C ASP B 96 5.12 21.44 12.84
N GLY B 97 5.81 20.32 12.62
CA GLY B 97 5.86 19.24 13.58
C GLY B 97 4.75 18.21 13.46
N LYS B 98 3.73 18.53 12.68
CA LYS B 98 2.62 17.60 12.47
C LYS B 98 3.03 16.43 11.59
N GLU B 99 2.40 15.30 11.80
CA GLU B 99 2.69 14.11 11.00
C GLU B 99 1.42 13.40 10.54
N ALA B 100 1.44 12.89 9.31
CA ALA B 100 0.30 12.19 8.75
C ALA B 100 0.03 10.93 9.55
N PRO B 101 -1.23 10.50 9.63
CA PRO B 101 -1.45 9.25 10.35
C PRO B 101 -0.71 8.11 9.64
N VAL B 102 -0.23 7.12 10.38
CA VAL B 102 0.40 5.97 9.76
C VAL B 102 -0.70 5.04 9.28
N HIS B 103 -0.85 4.92 7.95
CA HIS B 103 -1.98 4.20 7.38
C HIS B 103 -1.60 3.77 5.97
N PRO B 104 -2.10 2.60 5.52
CA PRO B 104 -1.73 2.04 4.20
C PRO B 104 -2.16 2.90 3.02
N HIS B 105 -3.08 3.85 3.22
CA HIS B 105 -3.52 4.71 2.13
C HIS B 105 -3.05 6.15 2.33
N VAL B 106 -2.20 6.38 3.32
CA VAL B 106 -1.72 7.73 3.60
C VAL B 106 -0.20 7.76 3.54
N TYR B 107 0.34 8.55 2.62
CA TYR B 107 1.79 8.70 2.48
C TYR B 107 2.40 9.56 3.57
N SER B 108 3.70 9.40 3.82
CA SER B 108 4.34 10.14 4.91
C SER B 108 4.35 11.65 4.64
N ASN B 109 4.13 12.05 3.39
CA ASN B 109 4.06 13.47 3.06
C ASN B 109 2.63 14.02 3.16
N GLY B 110 1.71 13.19 3.64
CA GLY B 110 0.33 13.61 3.85
C GLY B 110 -0.61 13.28 2.71
N HIS B 111 -0.07 12.87 1.57
CA HIS B 111 -0.91 12.54 0.42
C HIS B 111 -1.77 11.31 0.70
N ILE B 112 -2.97 11.31 0.13
CA ILE B 112 -3.97 10.30 0.42
C ILE B 112 -4.37 9.58 -0.86
N CYS B 113 -4.34 8.25 -0.81
CA CYS B 113 -4.90 7.44 -1.89
C CYS B 113 -6.29 6.99 -1.44
N ALA B 114 -7.31 7.62 -2.01
CA ALA B 114 -8.70 7.29 -1.67
C ALA B 114 -9.51 7.56 -2.92
N SER B 115 -10.40 6.63 -3.27
CA SER B 115 -11.15 6.73 -4.52
C SER B 115 -12.04 7.97 -4.54
N ILE B 116 -12.55 8.37 -3.38
CA ILE B 116 -13.36 9.60 -3.27
C ILE B 116 -12.58 10.82 -3.77
N LEU B 117 -11.26 10.77 -3.67
CA LEU B 117 -10.43 11.87 -4.17
C LEU B 117 -10.03 11.67 -5.62
N GLY B 118 -10.32 10.50 -6.16
CA GLY B 118 -9.84 10.14 -7.48
C GLY B 118 -10.91 9.96 -8.54
N SER B 119 -11.21 8.70 -8.86
CA SER B 119 -12.16 8.39 -9.91
C SER B 119 -13.60 8.49 -9.42
N GLU B 120 -13.81 8.13 -8.15
CA GLU B 120 -15.15 8.12 -7.57
C GLU B 120 -15.49 9.45 -6.88
N TRP B 121 -14.92 10.56 -7.37
CA TRP B 121 -15.37 11.87 -6.93
C TRP B 121 -16.56 12.28 -7.77
N SER B 122 -17.59 12.79 -7.10
CA SER B 122 -18.75 13.34 -7.77
C SER B 122 -19.00 14.76 -7.27
N PRO B 123 -19.46 15.66 -8.17
CA PRO B 123 -19.91 16.99 -7.75
C PRO B 123 -21.06 16.84 -6.76
N VAL B 124 -21.68 15.66 -6.76
CA VAL B 124 -22.78 15.34 -5.85
C VAL B 124 -22.29 15.07 -4.42
N LEU B 125 -20.97 14.97 -4.25
CA LEU B 125 -20.38 14.80 -2.92
C LEU B 125 -20.01 16.15 -2.30
N SER B 126 -19.60 16.14 -1.03
CA SER B 126 -19.25 17.38 -0.32
C SER B 126 -17.95 17.29 0.49
N VAL B 127 -17.48 18.44 0.96
CA VAL B 127 -16.27 18.50 1.78
C VAL B 127 -16.44 17.70 3.08
N ILE B 128 -17.61 17.79 3.69
CA ILE B 128 -17.92 16.99 4.87
C ILE B 128 -18.00 15.48 4.52
N ALA B 129 -18.54 15.17 3.34
CA ALA B 129 -18.58 13.79 2.87
C ALA B 129 -17.17 13.20 2.81
N VAL B 130 -16.23 13.99 2.29
CA VAL B 130 -14.83 13.57 2.22
C VAL B 130 -14.25 13.38 3.62
N CYS B 131 -14.53 14.32 4.52
CA CYS B 131 -14.06 14.19 5.91
C CYS B 131 -14.57 12.92 6.57
N VAL B 132 -15.85 12.61 6.36
CA VAL B 132 -16.47 11.42 6.92
C VAL B 132 -15.83 10.16 6.33
N THR B 133 -15.56 10.18 5.04
CA THR B 133 -15.01 9.04 4.33
C THR B 133 -13.60 8.71 4.80
N LEU B 134 -12.78 9.75 4.96
CA LEU B 134 -11.41 9.57 5.43
C LEU B 134 -11.38 9.23 6.91
N GLN B 135 -12.38 9.72 7.65
CA GLN B 135 -12.51 9.35 9.05
C GLN B 135 -12.80 7.85 9.15
N SER B 136 -13.74 7.37 8.34
CA SER B 136 -14.07 5.95 8.32
C SER B 136 -12.86 5.12 7.91
N MET B 137 -12.15 5.60 6.90
CA MET B 137 -10.93 4.95 6.41
C MET B 137 -9.92 4.68 7.53
N LEU B 138 -9.75 5.65 8.43
CA LEU B 138 -8.84 5.50 9.55
C LEU B 138 -9.43 4.58 10.63
N ALA B 139 -10.76 4.54 10.72
CA ALA B 139 -11.44 3.73 11.73
C ALA B 139 -11.50 2.26 11.34
N SER B 140 -11.40 1.99 10.04
CA SER B 140 -11.51 0.62 9.52
C SER B 140 -10.19 -0.13 9.56
N CYS B 141 -9.12 0.58 9.90
CA CYS B 141 -7.77 0.02 9.83
C CYS B 141 -7.38 -0.74 11.09
N LYS B 142 -6.68 -1.85 10.91
CA LYS B 142 -6.29 -2.69 12.04
C LYS B 142 -4.80 -2.60 12.38
N LYS B 143 -3.95 -2.37 11.37
CA LYS B 143 -2.52 -2.20 11.62
C LYS B 143 -1.94 -0.93 11.00
N LYS B 144 -1.51 -0.02 11.86
CA LYS B 144 -0.79 1.17 11.42
C LYS B 144 0.46 0.79 10.63
N GLU B 145 0.36 0.83 9.31
CA GLU B 145 1.54 0.67 8.45
C GLU B 145 1.47 1.62 7.26
N ARG B 146 2.62 2.07 6.78
CA ARG B 146 2.68 2.94 5.61
C ARG B 146 2.37 2.18 4.33
N PRO B 147 1.94 2.89 3.27
CA PRO B 147 1.79 2.29 1.94
C PRO B 147 3.09 1.60 1.51
N ALA B 148 2.99 0.56 0.69
CA ALA B 148 4.18 -0.15 0.20
C ALA B 148 5.12 0.76 -0.60
N ASP B 149 4.56 1.70 -1.35
CA ASP B 149 5.41 2.51 -2.20
C ASP B 149 5.83 3.83 -1.57
N ASN B 150 5.76 3.90 -0.23
CA ASN B 150 5.85 5.20 0.47
C ASN B 150 7.10 6.02 0.12
N ASP B 151 8.27 5.43 0.28
CA ASP B 151 9.50 6.21 0.05
C ASP B 151 9.68 6.51 -1.43
N ARG B 152 9.29 5.56 -2.29
CA ARG B 152 9.35 5.78 -3.72
C ARG B 152 8.44 6.94 -4.13
N TYR B 153 7.27 7.00 -3.50
CA TYR B 153 6.30 8.04 -3.83
C TYR B 153 6.74 9.43 -3.37
N VAL B 154 7.22 9.52 -2.13
CA VAL B 154 7.46 10.82 -1.51
C VAL B 154 8.62 11.61 -2.15
N ARG B 155 9.63 10.91 -2.65
CA ARG B 155 10.74 11.62 -3.28
C ARG B 155 10.36 12.19 -4.64
N THR B 156 9.32 11.63 -5.25
CA THR B 156 8.88 12.06 -6.57
C THR B 156 7.62 12.94 -6.50
N ALA B 157 7.06 13.08 -5.31
CA ALA B 157 5.73 13.70 -5.16
C ALA B 157 5.74 15.23 -5.18
N PRO B 158 4.89 15.82 -6.04
CA PRO B 158 4.73 17.27 -6.09
C PRO B 158 4.01 17.82 -4.87
N ASP B 159 3.98 19.15 -4.76
CA ASP B 159 3.21 19.83 -3.72
C ASP B 159 1.74 19.44 -3.79
N ASN B 160 1.19 19.42 -5.01
CA ASN B 160 -0.20 19.06 -5.24
C ASN B 160 -0.38 17.58 -5.53
N PRO B 161 -1.21 16.90 -4.73
CA PRO B 161 -1.40 15.45 -4.88
C PRO B 161 -2.18 15.04 -6.14
N LYS B 162 -2.69 16.00 -6.92
CA LYS B 162 -3.42 15.65 -8.14
C LYS B 162 -2.55 15.79 -9.39
C ACY C . 5.56 -25.98 11.80
O ACY C . 5.19 -24.79 11.90
OXT ACY C . 6.72 -26.36 11.47
CH3 ACY C . 4.54 -27.04 12.10
C1 GOL D . 30.92 -13.79 -8.28
O1 GOL D . 30.07 -14.81 -8.76
C2 GOL D . 31.72 -14.32 -7.10
O2 GOL D . 33.03 -13.77 -7.15
C3 GOL D . 31.03 -13.94 -5.79
O3 GOL D . 32.01 -13.64 -4.81
#